data_2VDF
#
_entry.id   2VDF
#
_cell.length_a   37.860
_cell.length_b   42.500
_cell.length_c   150.300
_cell.angle_alpha   90.00
_cell.angle_beta   90.00
_cell.angle_gamma   90.00
#
_symmetry.space_group_name_H-M   'P 21 21 21'
#
loop_
_entity.id
_entity.type
_entity.pdbx_description
1 polymer 'OUTER MEMBRANE PROTEIN'
2 non-polymer N-OCTANE
3 non-polymer 'SULFATE ION'
4 water water
#
_entity_poly.entity_id   1
_entity_poly.type   'polypeptide(L)'
_entity_poly.pdbx_seq_one_letter_code
;AQELQTANEFTVHTDLSSISSTRAFLKEKHKAAKHIGVRADIPFDANQGIRLEAGFGRSKKNIINLETDENKLGKTKNVK
LPTGVPENRIDLYTGYTYTQTLSDSLNFRVGAGLGFESSKDSIKTTKHTLHSSRQSWLAKVHADLLSQLGNGWYINPWSE
VKFDLNSRYKLNTGVTNLKKDINQKTNGWGFGLGANIGKKLGESASIEAGPFYKQRTYKESGEFSVTTKSGDVSLTIPKT
SIREYGLRVGIKF
;
_entity_poly.pdbx_strand_id   A
#
# COMPACT_ATOMS: atom_id res chain seq x y z
N ALA A 7 26.02 3.71 7.60
CA ALA A 7 25.91 4.46 6.32
C ALA A 7 24.46 4.75 5.96
N ASN A 8 24.24 5.92 5.37
CA ASN A 8 22.92 6.29 4.85
C ASN A 8 22.55 5.40 3.66
N GLU A 9 21.29 4.99 3.59
CA GLU A 9 20.84 4.21 2.44
C GLU A 9 19.59 4.80 1.80
N PHE A 10 19.61 4.94 0.48
CA PHE A 10 18.52 5.58 -0.24
C PHE A 10 18.09 4.67 -1.37
N THR A 11 16.79 4.40 -1.46
CA THR A 11 16.24 3.52 -2.47
C THR A 11 15.18 4.27 -3.28
N VAL A 12 15.29 4.20 -4.61
CA VAL A 12 14.23 4.61 -5.52
C VAL A 12 13.70 3.33 -6.13
N HIS A 13 12.38 3.15 -6.12
CA HIS A 13 11.80 1.90 -6.59
C HIS A 13 10.54 2.14 -7.42
N THR A 14 10.18 1.14 -8.21
CA THR A 14 8.94 1.19 -8.97
C THR A 14 8.23 -0.17 -8.88
N ASP A 15 6.90 -0.13 -8.89
CA ASP A 15 6.09 -1.32 -8.72
C ASP A 15 5.25 -1.58 -9.95
N LEU A 16 5.04 -2.85 -10.25
CA LEU A 16 4.04 -3.28 -11.21
C LEU A 16 3.11 -4.21 -10.45
N SER A 17 1.82 -3.88 -10.39
CA SER A 17 0.95 -4.65 -9.51
C SER A 17 -0.46 -4.89 -10.04
N SER A 18 -1.12 -5.88 -9.46
CA SER A 18 -2.52 -6.13 -9.72
C SER A 18 -3.27 -5.74 -8.45
N ILE A 19 -4.20 -4.80 -8.57
CA ILE A 19 -4.98 -4.37 -7.42
C ILE A 19 -6.44 -4.69 -7.62
N SER A 20 -7.08 -5.22 -6.59
CA SER A 20 -8.53 -5.42 -6.62
C SER A 20 -9.13 -4.95 -5.31
N SER A 21 -10.39 -4.55 -5.36
CA SER A 21 -11.08 -4.04 -4.19
C SER A 21 -12.53 -4.52 -4.19
N THR A 22 -13.07 -4.80 -3.02
CA THR A 22 -14.48 -5.17 -2.90
C THR A 22 -15.20 -4.23 -1.93
N ARG A 23 -16.39 -3.81 -2.32
CA ARG A 23 -17.18 -2.91 -1.49
C ARG A 23 -18.65 -3.21 -1.71
N ALA A 24 -19.35 -3.58 -0.64
CA ALA A 24 -20.75 -3.95 -0.74
C ALA A 24 -20.92 -5.11 -1.73
N PHE A 25 -21.71 -4.90 -2.78
CA PHE A 25 -21.97 -5.94 -3.78
C PHE A 25 -21.16 -5.73 -5.06
N LEU A 26 -20.05 -5.00 -4.96
CA LEU A 26 -19.27 -4.65 -6.13
C LEU A 26 -17.80 -5.02 -5.99
N LYS A 27 -17.12 -5.12 -7.13
CA LYS A 27 -15.68 -5.33 -7.18
C LYS A 27 -15.10 -4.21 -8.03
N GLU A 28 -13.87 -3.83 -7.75
CA GLU A 28 -13.18 -2.81 -8.49
C GLU A 28 -11.86 -3.42 -8.89
N LYS A 29 -11.66 -3.62 -10.19
CA LYS A 29 -10.39 -4.19 -10.67
C LYS A 29 -9.57 -3.12 -11.37
N HIS A 30 -8.29 -3.04 -11.02
CA HIS A 30 -7.44 -2.00 -11.56
C HIS A 30 -6.62 -2.50 -12.74
N LYS A 31 -6.31 -1.58 -13.64
CA LYS A 31 -5.44 -1.85 -14.78
C LYS A 31 -4.37 -0.78 -14.81
N ALA A 32 -3.23 -1.10 -15.40
CA ALA A 32 -2.10 -0.17 -15.45
C ALA A 32 -1.76 0.41 -14.07
N ALA A 33 -1.72 -0.45 -13.06
CA ALA A 33 -1.40 -0.02 -11.70
C ALA A 33 0.10 0.15 -11.55
N LYS A 34 0.55 1.41 -11.44
CA LYS A 34 1.97 1.69 -11.32
C LYS A 34 2.24 2.60 -10.13
N HIS A 35 3.44 2.49 -9.57
CA HIS A 35 3.81 3.25 -8.38
C HIS A 35 5.31 3.53 -8.45
N ILE A 36 5.70 4.72 -8.01
CA ILE A 36 7.11 5.09 -7.86
C ILE A 36 7.29 5.60 -6.45
N GLY A 37 8.39 5.22 -5.78
CA GLY A 37 8.60 5.69 -4.43
C GLY A 37 10.07 5.78 -4.05
N VAL A 38 10.32 6.47 -2.94
CA VAL A 38 11.69 6.57 -2.44
C VAL A 38 11.71 6.27 -0.95
N ARG A 39 12.84 5.75 -0.48
CA ARG A 39 13.01 5.49 0.93
C ARG A 39 14.42 5.90 1.37
N ALA A 40 14.51 6.60 2.49
CA ALA A 40 15.78 6.98 3.08
C ALA A 40 15.89 6.38 4.47
N ASP A 41 16.91 5.55 4.69
CA ASP A 41 17.23 5.08 6.03
C ASP A 41 18.50 5.78 6.51
N ILE A 42 18.37 6.60 7.55
CA ILE A 42 19.48 7.43 8.02
C ILE A 42 19.87 7.11 9.45
N PRO A 43 21.05 6.50 9.63
CA PRO A 43 21.60 6.14 10.93
C PRO A 43 22.01 7.37 11.73
N PHE A 44 21.75 7.34 13.02
CA PHE A 44 22.24 8.39 13.91
C PHE A 44 23.30 7.84 14.85
N ASP A 45 23.16 6.56 15.20
CA ASP A 45 24.25 5.88 15.91
C ASP A 45 24.43 4.46 15.36
N ALA A 46 25.10 3.60 16.13
CA ALA A 46 25.31 2.23 15.68
C ALA A 46 23.99 1.50 15.42
N ASN A 47 22.94 1.87 16.14
CA ASN A 47 21.68 1.14 16.05
C ASN A 47 20.44 1.95 15.71
N GLN A 48 20.40 3.20 16.17
CA GLN A 48 19.22 4.03 15.98
C GLN A 48 19.27 4.79 14.66
N GLY A 49 18.10 5.05 14.08
CA GLY A 49 18.05 5.81 12.84
C GLY A 49 16.68 6.40 12.58
N ILE A 50 16.53 7.01 11.41
CA ILE A 50 15.26 7.53 10.95
C ILE A 50 14.95 6.96 9.58
N ARG A 51 13.69 6.67 9.31
CA ARG A 51 13.27 6.26 7.98
C ARG A 51 12.27 7.27 7.44
N LEU A 52 12.41 7.59 6.16
CA LEU A 52 11.50 8.53 5.50
C LEU A 52 11.08 7.89 4.18
N GLU A 53 9.79 7.92 3.88
CA GLU A 53 9.30 7.35 2.62
C GLU A 53 8.30 8.28 1.94
N ALA A 54 8.33 8.30 0.61
CA ALA A 54 7.33 9.03 -0.18
C ALA A 54 7.09 8.25 -1.45
N GLY A 55 5.84 8.21 -1.91
CA GLY A 55 5.49 7.43 -3.09
C GLY A 55 4.24 7.94 -3.76
N PHE A 56 4.13 7.65 -5.06
CA PHE A 56 3.02 8.14 -5.86
C PHE A 56 2.55 7.03 -6.79
N GLY A 57 1.24 6.81 -6.82
CA GLY A 57 0.68 5.71 -7.58
C GLY A 57 -0.49 6.14 -8.45
N ARG A 58 -0.78 5.34 -9.46
CA ARG A 58 -1.86 5.63 -10.41
C ARG A 58 -2.39 4.31 -10.97
N SER A 59 -3.67 4.29 -11.32
CA SER A 59 -4.26 3.16 -12.02
C SER A 59 -5.57 3.60 -12.68
N LYS A 60 -6.16 2.71 -13.45
CA LYS A 60 -7.50 2.92 -13.99
C LYS A 60 -8.32 1.73 -13.57
N LYS A 61 -9.54 1.97 -13.08
CA LYS A 61 -10.31 0.87 -12.54
C LYS A 61 -11.67 0.69 -13.21
N ASN A 62 -12.10 -0.55 -13.28
CA ASN A 62 -13.43 -0.88 -13.74
C ASN A 62 -14.24 -1.39 -12.55
N ILE A 63 -15.46 -0.88 -12.42
CA ILE A 63 -16.35 -1.27 -11.34
C ILE A 63 -17.30 -2.34 -11.86
N ILE A 64 -17.30 -3.49 -11.22
CA ILE A 64 -18.10 -4.63 -11.70
C ILE A 64 -18.91 -5.25 -10.58
N ASN A 65 -19.94 -6.00 -10.96
CA ASN A 65 -20.77 -6.72 -10.00
C ASN A 65 -20.12 -8.05 -9.63
N LEU A 66 -20.51 -8.58 -8.47
CA LEU A 66 -20.17 -9.95 -8.10
C LEU A 66 -21.03 -10.92 -8.90
N GLU A 67 -20.44 -12.06 -9.28
CA GLU A 67 -21.13 -13.07 -10.08
C GLU A 67 -22.31 -13.74 -9.36
N THR A 68 -23.36 -14.02 -10.10
CA THR A 68 -24.48 -14.82 -9.60
C THR A 68 -24.94 -15.85 -10.64
N ASP A 69 -25.58 -16.92 -10.19
CA ASP A 69 -26.10 -17.93 -11.10
C ASP A 69 -27.27 -17.41 -11.92
N GLU A 70 -28.03 -16.47 -11.36
CA GLU A 70 -29.10 -15.78 -12.09
C GLU A 70 -28.56 -15.02 -13.29
N ASN A 71 -27.41 -14.39 -13.11
CA ASN A 71 -26.76 -13.65 -14.19
C ASN A 71 -26.23 -14.59 -15.26
N LYS A 72 -25.62 -15.70 -14.83
CA LYS A 72 -25.04 -16.68 -15.75
C LYS A 72 -26.11 -17.41 -16.57
N LEU A 73 -27.25 -17.66 -15.94
CA LEU A 73 -28.47 -18.21 -16.56
C LEU A 73 -29.30 -17.37 -17.51
N GLY A 74 -28.95 -16.08 -17.71
CA GLY A 74 -29.86 -15.23 -18.47
C GLY A 74 -30.46 -14.20 -17.39
N LYS A 75 -31.02 -14.68 -16.19
CA LYS A 75 -32.49 -14.46 -16.14
C LYS A 75 -32.58 -13.05 -15.56
N THR A 76 -31.48 -12.59 -14.95
CA THR A 76 -31.28 -11.15 -14.89
C THR A 76 -30.02 -10.59 -15.59
N LYS A 77 -29.95 -9.27 -15.58
CA LYS A 77 -28.93 -8.55 -16.32
C LYS A 77 -28.38 -7.37 -15.54
N ASN A 78 -27.08 -7.25 -15.40
CA ASN A 78 -26.46 -6.16 -14.64
C ASN A 78 -26.49 -4.84 -15.41
N VAL A 79 -26.86 -3.77 -14.71
CA VAL A 79 -26.81 -2.43 -15.30
C VAL A 79 -25.34 -2.00 -15.47
N LYS A 80 -25.07 -1.27 -16.56
CA LYS A 80 -23.72 -0.84 -16.89
C LYS A 80 -23.10 0.01 -15.79
N LEU A 81 -21.86 -0.29 -15.44
CA LEU A 81 -21.14 0.49 -14.44
C LEU A 81 -19.88 1.08 -15.08
N PRO A 82 -19.37 2.17 -14.49
CA PRO A 82 -18.20 2.90 -15.00
C PRO A 82 -16.99 2.01 -15.30
N THR A 83 -16.29 2.38 -16.38
CA THR A 83 -15.10 1.68 -16.83
C THR A 83 -13.97 2.71 -16.98
N GLY A 84 -12.72 2.27 -16.80
CA GLY A 84 -11.58 3.18 -16.99
C GLY A 84 -11.60 4.38 -16.07
N VAL A 85 -12.01 4.17 -14.83
CA VAL A 85 -12.02 5.20 -13.81
C VAL A 85 -10.60 5.46 -13.30
N PRO A 86 -10.07 6.67 -13.54
CA PRO A 86 -8.72 6.98 -13.05
C PRO A 86 -8.64 7.09 -11.54
N GLU A 87 -7.53 6.64 -10.97
CA GLU A 87 -7.27 6.81 -9.55
C GLU A 87 -5.80 7.19 -9.32
N ASN A 88 -5.58 8.11 -8.37
CA ASN A 88 -4.24 8.54 -7.98
C ASN A 88 -4.05 8.35 -6.48
N ARG A 89 -2.83 8.01 -6.08
CA ARG A 89 -2.54 7.73 -4.69
C ARG A 89 -1.22 8.35 -4.29
N ILE A 90 -1.13 8.79 -3.04
CA ILE A 90 0.18 9.20 -2.53
C ILE A 90 0.37 8.59 -1.16
N ASP A 91 1.63 8.43 -0.78
CA ASP A 91 1.94 7.91 0.54
C ASP A 91 3.17 8.62 1.08
N LEU A 92 3.17 8.86 2.38
CA LEU A 92 4.31 9.49 3.05
C LEU A 92 4.51 8.80 4.38
N TYR A 93 5.77 8.72 4.82
CA TYR A 93 6.07 8.10 6.10
C TYR A 93 7.34 8.67 6.70
N THR A 94 7.29 8.98 8.00
CA THR A 94 8.48 9.32 8.77
C THR A 94 8.47 8.52 10.06
N GLY A 95 9.60 7.91 10.42
CA GLY A 95 9.63 7.06 11.61
C GLY A 95 10.99 6.81 12.26
N TYR A 96 10.96 6.27 13.47
CA TYR A 96 12.16 5.86 14.21
C TYR A 96 12.51 4.43 13.82
N THR A 97 13.81 4.12 13.73
CA THR A 97 14.25 2.75 13.47
C THR A 97 15.37 2.33 14.42
N TYR A 98 15.39 1.04 14.74
CA TYR A 98 16.45 0.45 15.52
C TYR A 98 16.90 -0.81 14.77
N THR A 99 18.21 -0.90 14.49
CA THR A 99 18.76 -2.00 13.72
C THR A 99 19.88 -2.65 14.53
N GLN A 100 19.98 -3.97 14.46
CA GLN A 100 21.03 -4.69 15.17
C GLN A 100 21.43 -5.91 14.38
N THR A 101 22.60 -6.44 14.70
CA THR A 101 23.15 -7.62 14.06
C THR A 101 22.68 -8.87 14.79
N LEU A 102 22.06 -9.80 14.07
CA LEU A 102 21.75 -11.11 14.64
C LEU A 102 22.94 -12.07 14.49
N SER A 103 23.71 -11.88 13.43
CA SER A 103 24.95 -12.63 13.19
C SER A 103 25.76 -11.83 12.17
N ASP A 104 26.97 -12.29 11.87
CA ASP A 104 27.83 -11.57 10.92
C ASP A 104 27.24 -11.49 9.51
N SER A 105 26.09 -12.14 9.28
CA SER A 105 25.47 -12.13 7.94
C SER A 105 23.97 -11.87 8.01
N LEU A 106 23.48 -11.43 9.15
CA LEU A 106 22.04 -11.21 9.34
C LEU A 106 21.80 -9.94 10.16
N ASN A 107 21.04 -9.01 9.58
CA ASN A 107 20.71 -7.75 10.26
C ASN A 107 19.21 -7.65 10.40
N PHE A 108 18.74 -7.15 11.54
CA PHE A 108 17.31 -7.09 11.82
C PHE A 108 16.92 -5.66 12.16
N ARG A 109 15.94 -5.13 11.44
CA ARG A 109 15.57 -3.74 11.58
C ARG A 109 14.09 -3.66 11.92
N VAL A 110 13.76 -2.82 12.90
CA VAL A 110 12.38 -2.64 13.35
C VAL A 110 12.15 -1.12 13.43
N GLY A 111 10.96 -0.68 13.11
CA GLY A 111 10.66 0.75 13.23
C GLY A 111 9.20 1.02 13.46
N ALA A 112 8.88 2.28 13.80
CA ALA A 112 7.50 2.71 13.98
C ALA A 112 7.44 4.21 13.73
N GLY A 113 6.31 4.70 13.22
CA GLY A 113 6.18 6.12 12.99
C GLY A 113 4.81 6.50 12.48
N LEU A 114 4.73 7.70 11.91
CA LEU A 114 3.47 8.28 11.50
C LEU A 114 3.48 8.36 9.98
N GLY A 115 2.31 8.19 9.36
CA GLY A 115 2.22 8.23 7.92
C GLY A 115 0.95 8.88 7.41
N PHE A 116 0.97 9.21 6.13
CA PHE A 116 -0.21 9.72 5.46
C PHE A 116 -0.41 8.94 4.16
N GLU A 117 -1.66 8.61 3.84
CA GLU A 117 -2.02 8.02 2.55
C GLU A 117 -3.22 8.75 2.00
N SER A 118 -3.27 8.93 0.68
CA SER A 118 -4.50 9.42 0.06
C SER A 118 -4.77 8.71 -1.26
N SER A 119 -6.04 8.63 -1.64
CA SER A 119 -6.41 8.17 -2.97
C SER A 119 -7.58 9.03 -3.45
N LYS A 120 -7.65 9.26 -4.74
CA LYS A 120 -8.74 10.04 -5.32
C LYS A 120 -9.11 9.42 -6.65
N ASP A 121 -10.41 9.29 -6.93
CA ASP A 121 -10.86 8.85 -8.24
C ASP A 121 -11.88 9.83 -8.83
N SER A 122 -12.18 9.68 -10.11
CA SER A 122 -13.12 10.57 -10.79
C SER A 122 -14.08 9.75 -11.64
N ILE A 123 -15.38 9.95 -11.40
CA ILE A 123 -16.43 9.32 -12.19
C ILE A 123 -17.43 10.38 -12.65
N LEU A 130 -17.99 13.25 -10.43
CA LEU A 130 -18.04 12.55 -9.16
C LEU A 130 -16.64 12.18 -8.68
N HIS A 131 -16.19 12.81 -7.59
CA HIS A 131 -14.88 12.51 -7.00
C HIS A 131 -15.02 11.89 -5.63
N SER A 132 -14.37 10.75 -5.44
CA SER A 132 -14.29 10.14 -4.13
C SER A 132 -12.84 10.17 -3.69
N SER A 133 -12.64 10.43 -2.41
CA SER A 133 -11.31 10.61 -1.84
C SER A 133 -11.21 9.87 -0.52
N ARG A 134 -10.05 9.27 -0.26
CA ARG A 134 -9.78 8.66 1.02
C ARG A 134 -8.46 9.25 1.52
N GLN A 135 -8.49 9.97 2.63
CA GLN A 135 -7.28 10.56 3.21
C GLN A 135 -7.09 10.01 4.61
N SER A 136 -5.91 9.45 4.86
CA SER A 136 -5.67 8.70 6.10
C SER A 136 -4.38 9.12 6.78
N TRP A 137 -4.51 9.52 8.05
CA TRP A 137 -3.36 9.70 8.92
C TRP A 137 -3.22 8.44 9.76
N LEU A 138 -2.06 7.80 9.70
CA LEU A 138 -1.92 6.50 10.32
C LEU A 138 -0.60 6.31 11.08
N ALA A 139 -0.58 5.27 11.90
CA ALA A 139 0.65 4.84 12.55
C ALA A 139 1.07 3.56 11.87
N LYS A 140 2.38 3.35 11.77
CA LYS A 140 2.91 2.20 11.04
C LYS A 140 4.08 1.61 11.81
N VAL A 141 4.13 0.28 11.83
CA VAL A 141 5.24 -0.46 12.43
C VAL A 141 5.79 -1.39 11.34
N HIS A 142 7.10 -1.52 11.26
CA HIS A 142 7.69 -2.34 10.21
C HIS A 142 8.89 -3.12 10.73
N ALA A 143 9.17 -4.25 10.11
CA ALA A 143 10.34 -5.07 10.47
C ALA A 143 10.87 -5.74 9.24
N ASP A 144 12.19 -5.87 9.14
CA ASP A 144 12.79 -6.51 7.99
C ASP A 144 14.09 -7.18 8.37
N LEU A 145 14.41 -8.26 7.68
CA LEU A 145 15.64 -8.98 7.91
C LEU A 145 16.50 -8.84 6.66
N LEU A 146 17.76 -8.48 6.83
CA LEU A 146 18.71 -8.47 5.72
C LEU A 146 19.75 -9.57 5.87
N SER A 147 19.73 -10.54 4.96
CA SER A 147 20.58 -11.72 5.05
C SER A 147 21.53 -11.80 3.86
N GLN A 148 22.83 -11.86 4.14
CA GLN A 148 23.84 -11.94 3.10
C GLN A 148 23.89 -13.34 2.52
N LEU A 149 23.97 -13.44 1.20
CA LEU A 149 24.05 -14.73 0.52
C LEU A 149 25.47 -15.02 0.04
N GLY A 150 26.29 -13.97 -0.01
CA GLY A 150 27.67 -14.11 -0.49
C GLY A 150 27.84 -13.52 -1.88
N ASN A 151 29.06 -13.09 -2.18
CA ASN A 151 29.36 -12.50 -3.48
C ASN A 151 28.51 -11.26 -3.81
N GLY A 152 28.10 -10.54 -2.77
CA GLY A 152 27.32 -9.31 -2.96
C GLY A 152 25.81 -9.53 -3.09
N TRP A 153 25.40 -10.79 -3.10
CA TRP A 153 23.97 -11.13 -3.14
C TRP A 153 23.35 -11.08 -1.74
N TYR A 154 22.07 -10.71 -1.67
CA TYR A 154 21.33 -10.72 -0.40
C TYR A 154 19.83 -10.96 -0.58
N ILE A 155 19.17 -11.37 0.49
CA ILE A 155 17.72 -11.48 0.51
C ILE A 155 17.16 -10.63 1.66
N ASN A 156 16.02 -9.98 1.43
CA ASN A 156 15.50 -9.00 2.38
C ASN A 156 13.99 -9.15 2.55
N PRO A 157 13.57 -10.12 3.38
CA PRO A 157 12.16 -10.27 3.73
C PRO A 157 11.72 -9.12 4.62
N TRP A 158 10.50 -8.63 4.43
CA TRP A 158 10.02 -7.47 5.17
C TRP A 158 8.51 -7.57 5.46
N SER A 159 8.06 -6.84 6.48
CA SER A 159 6.65 -6.78 6.81
C SER A 159 6.33 -5.40 7.41
N GLU A 160 5.09 -4.97 7.29
CA GLU A 160 4.69 -3.69 7.85
C GLU A 160 3.20 -3.77 8.18
N VAL A 161 2.77 -3.04 9.20
CA VAL A 161 1.35 -3.02 9.56
C VAL A 161 0.95 -1.56 9.80
N LYS A 162 -0.22 -1.17 9.30
CA LYS A 162 -0.68 0.20 9.42
C LYS A 162 -1.99 0.24 10.21
N PHE A 163 -2.17 1.28 11.03
CA PHE A 163 -3.40 1.47 11.77
C PHE A 163 -3.84 2.92 11.59
N ASP A 164 -5.06 3.14 11.12
CA ASP A 164 -5.55 4.50 10.95
C ASP A 164 -5.81 5.17 12.30
N LEU A 165 -5.35 6.42 12.42
CA LEU A 165 -5.67 7.27 13.56
C LEU A 165 -6.82 8.22 13.20
N ASN A 166 -6.86 8.66 11.94
CA ASN A 166 -7.96 9.50 11.44
C ASN A 166 -8.05 9.36 9.93
N SER A 167 -8.97 8.52 9.48
CA SER A 167 -9.14 8.22 8.08
C SER A 167 -10.49 8.77 7.62
N ARG A 168 -10.48 9.62 6.60
CA ARG A 168 -11.72 10.23 6.17
C ARG A 168 -12.09 9.89 4.73
N TYR A 169 -13.38 9.65 4.53
CA TYR A 169 -13.93 9.37 3.22
C TYR A 169 -14.68 10.60 2.74
N LYS A 170 -14.30 11.11 1.58
CA LYS A 170 -14.93 12.30 1.05
C LYS A 170 -15.58 12.02 -0.31
N LEU A 171 -16.66 12.74 -0.58
CA LEU A 171 -17.49 12.51 -1.74
C LEU A 171 -18.06 13.86 -2.12
N ASN A 172 -17.86 14.28 -3.36
CA ASN A 172 -18.40 15.57 -3.81
C ASN A 172 -19.87 15.48 -4.23
N THR A 173 -20.71 15.02 -3.31
CA THR A 173 -22.13 14.81 -3.56
C THR A 173 -22.90 16.11 -3.84
N ASP A 181 -21.96 17.73 0.21
CA ASP A 181 -20.75 16.92 0.19
C ASP A 181 -20.69 15.98 1.39
N ILE A 182 -19.94 14.90 1.25
CA ILE A 182 -19.80 13.93 2.33
C ILE A 182 -18.35 13.86 2.80
N ASN A 183 -18.17 13.84 4.11
CA ASN A 183 -16.85 13.77 4.73
C ASN A 183 -16.98 13.05 6.05
N GLN A 184 -16.77 11.73 6.03
CA GLN A 184 -16.98 10.89 7.19
C GLN A 184 -15.75 10.08 7.56
N LYS A 185 -15.58 9.80 8.85
CA LYS A 185 -14.42 9.05 9.32
C LYS A 185 -14.61 7.56 9.08
N THR A 186 -13.58 6.93 8.51
CA THR A 186 -13.60 5.51 8.20
C THR A 186 -12.28 4.84 8.58
N ASN A 187 -11.94 4.82 9.87
CA ASN A 187 -10.67 4.21 10.30
C ASN A 187 -10.54 2.73 9.93
N GLY A 188 -9.32 2.30 9.64
CA GLY A 188 -9.07 0.91 9.29
C GLY A 188 -7.64 0.51 9.59
N TRP A 189 -7.14 -0.45 8.84
CA TRP A 189 -5.80 -0.95 9.06
C TRP A 189 -5.33 -1.64 7.79
N GLY A 190 -4.06 -2.04 7.77
CA GLY A 190 -3.53 -2.72 6.61
C GLY A 190 -2.21 -3.40 6.97
N PHE A 191 -1.75 -4.28 6.10
CA PHE A 191 -0.47 -4.95 6.33
C PHE A 191 0.16 -5.29 4.99
N GLY A 192 1.48 -5.40 4.97
CA GLY A 192 2.20 -5.69 3.75
C GLY A 192 3.29 -6.68 4.08
N LEU A 193 3.66 -7.49 3.10
CA LEU A 193 4.70 -8.50 3.26
C LEU A 193 5.39 -8.66 1.93
N GLY A 194 6.69 -8.91 1.95
CA GLY A 194 7.42 -9.11 0.70
C GLY A 194 8.85 -9.58 0.95
N ALA A 195 9.61 -9.72 -0.13
CA ALA A 195 11.01 -10.11 0.01
C ALA A 195 11.76 -9.70 -1.23
N ASN A 196 12.83 -8.94 -1.03
CA ASN A 196 13.64 -8.48 -2.15
C ASN A 196 14.93 -9.27 -2.25
N ILE A 197 15.27 -9.70 -3.47
CA ILE A 197 16.57 -10.29 -3.72
C ILE A 197 17.41 -9.23 -4.41
N GLY A 198 18.60 -8.96 -3.89
CA GLY A 198 19.43 -7.89 -4.40
C GLY A 198 20.86 -8.29 -4.68
N LYS A 199 21.56 -7.45 -5.43
CA LYS A 199 22.95 -7.66 -5.78
C LYS A 199 23.66 -6.32 -5.75
N LYS A 200 24.80 -6.25 -5.06
CA LYS A 200 25.69 -5.10 -5.17
C LYS A 200 26.28 -4.98 -6.58
N LEU A 201 26.16 -3.79 -7.15
CA LEU A 201 26.87 -3.46 -8.39
C LEU A 201 28.04 -2.56 -8.03
N GLY A 202 29.09 -3.15 -7.47
CA GLY A 202 30.26 -2.40 -7.01
C GLY A 202 30.09 -1.93 -5.56
N ALA A 205 26.33 0.85 -5.02
CA ALA A 205 24.97 0.75 -5.51
C ALA A 205 24.53 -0.70 -5.57
N SER A 206 23.22 -0.94 -5.41
CA SER A 206 22.67 -2.29 -5.49
C SER A 206 21.36 -2.25 -6.26
N ILE A 207 21.06 -3.32 -6.98
CA ILE A 207 19.77 -3.48 -7.67
C ILE A 207 19.04 -4.60 -6.94
N GLU A 208 17.73 -4.43 -6.74
CA GLU A 208 16.93 -5.45 -6.07
C GLU A 208 15.55 -5.58 -6.71
N ALA A 209 14.93 -6.73 -6.49
CA ALA A 209 13.62 -7.00 -7.09
C ALA A 209 12.94 -8.07 -6.24
N GLY A 210 11.62 -8.07 -6.22
CA GLY A 210 10.92 -9.10 -5.48
C GLY A 210 9.42 -8.88 -5.40
N PRO A 211 8.69 -9.93 -4.98
CA PRO A 211 7.25 -9.88 -4.89
C PRO A 211 6.80 -9.25 -3.58
N PHE A 212 5.56 -8.78 -3.55
CA PHE A 212 4.99 -8.23 -2.34
C PHE A 212 3.49 -8.47 -2.33
N TYR A 213 2.91 -8.48 -1.14
CA TYR A 213 1.47 -8.56 -1.00
C TYR A 213 1.04 -7.50 -0.01
N LYS A 214 0.02 -6.73 -0.37
CA LYS A 214 -0.57 -5.75 0.56
C LYS A 214 -2.09 -5.90 0.66
N GLN A 215 -2.62 -5.64 1.85
CA GLN A 215 -4.05 -5.68 2.09
C GLN A 215 -4.40 -4.46 2.94
N ARG A 216 -5.53 -3.83 2.64
CA ARG A 216 -5.97 -2.63 3.35
C ARG A 216 -7.48 -2.78 3.58
N THR A 217 -7.93 -2.52 4.80
CA THR A 217 -9.35 -2.58 5.10
C THR A 217 -9.79 -1.27 5.74
N TYR A 218 -10.89 -0.71 5.24
CA TYR A 218 -11.52 0.44 5.89
C TYR A 218 -12.87 -0.03 6.41
N LYS A 219 -13.20 0.29 7.67
CA LYS A 219 -14.43 -0.21 8.25
C LYS A 219 -15.63 0.56 7.73
N GLU A 220 -16.81 -0.04 7.84
CA GLU A 220 -18.05 0.68 7.58
C GLU A 220 -18.08 1.85 8.55
N SER A 221 -18.54 3.00 8.07
CA SER A 221 -18.59 4.17 8.94
C SER A 221 -19.79 4.04 9.87
N GLY A 222 -19.82 4.90 10.90
CA GLY A 222 -21.02 5.01 11.72
C GLY A 222 -22.13 5.61 10.87
N GLU A 223 -23.37 5.52 11.34
CA GLU A 223 -24.51 6.15 10.69
C GLU A 223 -24.36 7.65 10.67
N PHE A 224 -24.65 8.26 9.54
CA PHE A 224 -24.69 9.72 9.44
C PHE A 224 -25.86 10.12 8.56
N SER A 225 -26.34 11.34 8.74
CA SER A 225 -27.49 11.83 7.98
C SER A 225 -27.06 12.44 6.65
N VAL A 233 -31.68 11.70 4.83
CA VAL A 233 -31.28 10.36 4.43
C VAL A 233 -30.21 9.82 5.38
N SER A 234 -30.46 8.66 5.96
CA SER A 234 -29.48 8.02 6.82
C SER A 234 -28.65 7.04 6.02
N LEU A 235 -27.32 7.16 6.14
CA LEU A 235 -26.38 6.37 5.37
C LEU A 235 -25.20 5.90 6.21
N THR A 236 -24.49 4.91 5.68
CA THR A 236 -23.12 4.62 6.12
C THR A 236 -22.25 4.57 4.87
N ILE A 237 -20.94 4.64 5.08
CA ILE A 237 -19.99 4.36 4.03
C ILE A 237 -19.65 2.88 4.16
N PRO A 238 -19.84 2.09 3.10
CA PRO A 238 -19.66 0.65 3.20
C PRO A 238 -18.22 0.28 3.54
N LYS A 239 -18.04 -0.90 4.12
CA LYS A 239 -16.71 -1.44 4.37
C LYS A 239 -15.99 -1.69 3.04
N THR A 240 -14.74 -1.28 2.96
CA THR A 240 -13.95 -1.48 1.75
C THR A 240 -12.72 -2.32 2.07
N SER A 241 -12.41 -3.28 1.20
CA SER A 241 -11.20 -4.11 1.31
C SER A 241 -10.40 -4.06 0.01
N ILE A 242 -9.11 -3.78 0.14
CA ILE A 242 -8.21 -3.67 -1.00
C ILE A 242 -7.15 -4.75 -0.88
N ARG A 243 -6.86 -5.45 -1.98
CA ARG A 243 -5.77 -6.42 -2.00
C ARG A 243 -4.86 -6.15 -3.19
N GLU A 244 -3.56 -6.26 -2.97
CA GLU A 244 -2.58 -5.93 -4.01
C GLU A 244 -1.43 -6.93 -4.05
N TYR A 245 -1.12 -7.41 -5.26
CA TYR A 245 -0.04 -8.34 -5.52
C TYR A 245 0.87 -7.64 -6.50
N GLY A 246 2.17 -7.70 -6.28
CA GLY A 246 3.04 -7.02 -7.22
C GLY A 246 4.48 -7.43 -7.18
N LEU A 247 5.24 -6.81 -8.07
CA LEU A 247 6.68 -6.98 -8.16
C LEU A 247 7.27 -5.58 -8.05
N ARG A 248 8.20 -5.42 -7.12
CA ARG A 248 8.89 -4.15 -6.93
C ARG A 248 10.33 -4.31 -7.41
N VAL A 249 10.85 -3.28 -8.06
CA VAL A 249 12.26 -3.24 -8.46
C VAL A 249 12.87 -1.92 -8.00
N GLY A 250 14.06 -1.98 -7.40
CA GLY A 250 14.65 -0.79 -6.82
C GLY A 250 16.16 -0.64 -7.02
N ILE A 251 16.62 0.60 -6.98
CA ILE A 251 18.05 0.87 -6.99
C ILE A 251 18.41 1.45 -5.64
N LYS A 252 19.35 0.80 -4.98
CA LYS A 252 19.71 1.17 -3.63
C LYS A 252 21.08 1.84 -3.70
N PHE A 253 21.10 3.15 -3.44
CA PHE A 253 22.35 3.91 -3.44
C PHE A 253 22.96 3.86 -2.04
#